data_7NLE
#
_entry.id   7NLE
#
_cell.length_a   82.422
_cell.length_b   112.403
_cell.length_c   62.526
_cell.angle_alpha   90.000
_cell.angle_beta   90.000
_cell.angle_gamma   90.000
#
_symmetry.space_group_name_H-M   'C 2 2 21'
#
loop_
_entity.id
_entity.type
_entity.pdbx_description
1 polymer '14-3-3 protein sigma'
2 polymer 'Transcription factor p65'
3 non-polymer 'CHLORIDE ION'
4 non-polymer GLYCEROL
5 non-polymer 4-(4-methylpiperazin-1-yl)sulfonylbenzaldehyde
6 water water
#
loop_
_entity_poly.entity_id
_entity_poly.type
_entity_poly.pdbx_seq_one_letter_code
_entity_poly.pdbx_strand_id
1 'polypeptide(L)'
;GAMGSMERASLIQKAKLAEQAERYEDMAAFMKGAVEKGEELS(CSO)EERNLLSVAYKNVVGGQRAAWRVLSSIEQKSNE
EGSEEKGPEVREYREKVETELQGVCDTVLGLLDSHLIKEAGDAESRVFYLKMKGDYYRYLAEVATGDDKKRIIDSARSAY
QEAMDISKKEMPPTNPIRLGLALNFSVFHYEIANSPEEAISLAKTTFDEAMADLHTLSEDSYKDSTLIMQLLRDNLTLWT
ADNAGEEGGEAPQEPQS
;
A
2 'polypeptide(L)' EGRSAG(SEP)IPGRRS P
#
loop_
_chem_comp.id
_chem_comp.type
_chem_comp.name
_chem_comp.formula
CL non-polymer 'CHLORIDE ION' 'Cl -1'
GOL non-polymer GLYCEROL 'C3 H8 O3'
UHW non-polymer 4-(4-methylpiperazin-1-yl)sulfonylbenzaldehyde 'C12 H16 N2 O3 S'
#
# COMPACT_ATOMS: atom_id res chain seq x y z
N ALA A 2 5.40 -19.48 -12.70
CA ALA A 2 5.94 -19.88 -11.42
C ALA A 2 7.45 -19.80 -11.47
N MET A 3 8.02 -19.27 -10.39
CA MET A 3 9.45 -19.06 -10.31
C MET A 3 10.08 -20.15 -9.48
N GLY A 4 9.44 -21.31 -9.42
CA GLY A 4 9.86 -22.35 -8.49
C GLY A 4 11.26 -22.88 -8.75
N SER A 5 11.74 -22.79 -9.99
N SER A 5 11.74 -22.77 -9.99
CA SER A 5 13.07 -23.32 -10.29
CA SER A 5 13.06 -23.30 -10.33
C SER A 5 14.19 -22.31 -10.11
C SER A 5 14.19 -22.30 -10.12
N MET A 6 13.89 -21.04 -9.82
CA MET A 6 14.92 -20.03 -9.63
C MET A 6 15.26 -19.87 -8.15
N GLU A 7 16.55 -19.74 -7.87
CA GLU A 7 17.01 -19.50 -6.50
C GLU A 7 16.40 -18.22 -5.92
N ARG A 8 16.13 -18.28 -4.60
CA ARG A 8 15.64 -17.11 -3.89
C ARG A 8 16.55 -15.90 -4.10
N ALA A 9 17.86 -16.08 -3.92
CA ALA A 9 18.75 -14.93 -4.04
C ALA A 9 18.74 -14.38 -5.45
N SER A 10 18.58 -15.25 -6.45
CA SER A 10 18.52 -14.80 -7.85
C SER A 10 17.24 -14.02 -8.12
N LEU A 11 16.12 -14.48 -7.54
CA LEU A 11 14.87 -13.71 -7.68
C LEU A 11 15.01 -12.32 -7.09
N ILE A 12 15.64 -12.20 -5.92
CA ILE A 12 15.83 -10.90 -5.32
C ILE A 12 16.74 -10.03 -6.18
N GLN A 13 17.85 -10.61 -6.67
CA GLN A 13 18.73 -9.83 -7.54
C GLN A 13 18.01 -9.35 -8.79
N LYS A 14 17.23 -10.22 -9.42
CA LYS A 14 16.49 -9.84 -10.63
C LYS A 14 15.40 -8.81 -10.32
N ALA A 15 14.79 -8.86 -9.12
CA ALA A 15 13.81 -7.82 -8.78
C ALA A 15 14.49 -6.46 -8.71
N LYS A 16 15.74 -6.41 -8.21
CA LYS A 16 16.42 -5.12 -8.16
C LYS A 16 16.77 -4.64 -9.55
N LEU A 17 17.20 -5.56 -10.43
CA LEU A 17 17.48 -5.19 -11.82
C LEU A 17 16.20 -4.73 -12.52
N ALA A 18 15.09 -5.43 -12.28
CA ALA A 18 13.84 -5.06 -12.93
C ALA A 18 13.42 -3.66 -12.49
N GLU A 19 13.64 -3.32 -11.22
CA GLU A 19 13.37 -1.94 -10.80
C GLU A 19 14.18 -0.93 -11.59
N GLN A 20 15.48 -1.18 -11.74
CA GLN A 20 16.34 -0.26 -12.47
C GLN A 20 15.88 -0.11 -13.90
N ALA A 21 15.41 -1.21 -14.50
CA ALA A 21 14.93 -1.23 -15.89
C ALA A 21 13.48 -0.75 -16.04
N GLU A 22 12.85 -0.37 -14.92
CA GLU A 22 11.44 0.05 -14.90
C GLU A 22 10.51 -1.02 -15.47
N ARG A 23 10.80 -2.28 -15.15
CA ARG A 23 10.00 -3.43 -15.57
C ARG A 23 9.28 -3.93 -14.32
N TYR A 24 8.20 -3.22 -13.98
CA TYR A 24 7.56 -3.47 -12.69
C TYR A 24 6.73 -4.75 -12.66
N GLU A 25 6.12 -5.15 -13.77
CA GLU A 25 5.46 -6.45 -13.81
C GLU A 25 6.48 -7.57 -13.54
N ASP A 26 7.64 -7.51 -14.19
CA ASP A 26 8.68 -8.49 -13.90
C ASP A 26 9.07 -8.45 -12.42
N MET A 27 9.28 -7.23 -11.91
CA MET A 27 9.68 -7.05 -10.53
C MET A 27 8.72 -7.71 -9.58
N ALA A 28 7.42 -7.53 -9.82
CA ALA A 28 6.40 -8.17 -8.98
C ALA A 28 6.43 -9.68 -9.10
N ALA A 29 6.64 -10.22 -10.31
CA ALA A 29 6.67 -11.66 -10.47
C ALA A 29 7.89 -12.26 -9.76
N PHE A 30 9.03 -11.59 -9.83
CA PHE A 30 10.22 -12.07 -9.12
C PHE A 30 9.98 -12.05 -7.61
N MET A 31 9.38 -10.95 -7.09
CA MET A 31 9.16 -10.86 -5.64
C MET A 31 8.08 -11.84 -5.18
N LYS A 32 7.02 -12.05 -5.97
CA LYS A 32 6.07 -13.12 -5.67
C LYS A 32 6.79 -14.47 -5.55
N GLY A 33 7.63 -14.78 -6.53
CA GLY A 33 8.45 -15.99 -6.46
C GLY A 33 9.27 -16.06 -5.18
N ALA A 34 9.90 -14.94 -4.79
CA ALA A 34 10.72 -14.93 -3.58
C ALA A 34 9.87 -15.21 -2.34
N VAL A 35 8.69 -14.59 -2.26
CA VAL A 35 7.81 -14.86 -1.12
C VAL A 35 7.45 -16.33 -1.07
N GLU A 36 7.12 -16.92 -2.24
CA GLU A 36 6.66 -18.30 -2.28
C GLU A 36 7.75 -19.28 -1.91
N LYS A 37 9.01 -18.84 -1.79
CA LYS A 37 10.02 -19.74 -1.23
C LYS A 37 9.74 -20.11 0.23
N GLY A 38 8.92 -19.33 0.92
CA GLY A 38 8.51 -19.72 2.25
C GLY A 38 9.28 -19.09 3.39
N GLU A 39 10.39 -18.44 3.11
CA GLU A 39 11.15 -17.77 4.16
C GLU A 39 10.57 -16.38 4.42
N GLU A 40 10.72 -15.92 5.65
CA GLU A 40 10.41 -14.53 5.95
C GLU A 40 11.26 -13.59 5.09
N LEU A 41 10.81 -12.33 4.96
CA LEU A 41 11.49 -11.32 4.18
C LEU A 41 12.19 -10.32 5.10
N SER A 42 13.37 -9.90 4.71
CA SER A 42 14.07 -8.84 5.41
C SER A 42 13.41 -7.48 5.11
N CSO A 43 13.86 -6.41 5.78
N CSO A 43 13.86 -6.44 5.79
CA CSO A 43 13.31 -5.09 5.56
CA CSO A 43 13.35 -5.10 5.58
CB CSO A 43 13.91 -4.07 6.56
CB CSO A 43 14.10 -4.12 6.50
SG CSO A 43 13.55 -2.32 6.18
SG CSO A 43 13.70 -2.40 6.14
C CSO A 43 13.47 -4.64 4.09
C CSO A 43 13.47 -4.70 4.10
O CSO A 43 12.53 -4.16 3.47
O CSO A 43 12.48 -4.28 3.48
OD CSO A 43 11.91 -1.83 6.75
OD CSO A 43 14.73 -1.82 4.82
N GLU A 44 14.66 -4.86 3.53
CA GLU A 44 14.87 -4.51 2.13
C GLU A 44 13.98 -5.32 1.16
N GLU A 45 13.82 -6.62 1.46
CA GLU A 45 13.02 -7.46 0.59
C GLU A 45 11.53 -7.09 0.70
N ARG A 46 11.06 -6.73 1.91
CA ARG A 46 9.68 -6.21 2.02
C ARG A 46 9.49 -4.97 1.18
N ASN A 47 10.47 -4.06 1.21
CA ASN A 47 10.36 -2.86 0.41
C ASN A 47 10.29 -3.20 -1.06
N LEU A 48 11.11 -4.16 -1.54
CA LEU A 48 11.06 -4.52 -2.95
C LEU A 48 9.68 -5.07 -3.33
N LEU A 49 9.13 -5.95 -2.49
CA LEU A 49 7.79 -6.48 -2.74
C LEU A 49 6.75 -5.35 -2.84
N SER A 50 6.78 -4.44 -1.87
CA SER A 50 5.84 -3.33 -1.84
C SER A 50 6.01 -2.42 -3.06
N VAL A 51 7.23 -2.04 -3.41
CA VAL A 51 7.45 -1.14 -4.53
C VAL A 51 6.96 -1.78 -5.84
N ALA A 52 7.24 -3.08 -6.01
CA ALA A 52 6.83 -3.77 -7.24
C ALA A 52 5.33 -3.68 -7.43
N TYR A 53 4.59 -4.09 -6.42
CA TYR A 53 3.14 -4.13 -6.53
C TYR A 53 2.52 -2.73 -6.51
N LYS A 54 3.12 -1.75 -5.84
CA LYS A 54 2.50 -0.41 -5.87
C LYS A 54 2.61 0.16 -7.27
N ASN A 55 3.69 -0.12 -7.97
CA ASN A 55 3.83 0.34 -9.34
C ASN A 55 2.85 -0.38 -10.26
N VAL A 56 2.70 -1.69 -10.11
CA VAL A 56 1.79 -2.42 -10.99
C VAL A 56 0.37 -1.94 -10.77
N VAL A 57 -0.07 -1.93 -9.51
N VAL A 57 -0.10 -1.97 -9.52
CA VAL A 57 -1.45 -1.55 -9.27
CA VAL A 57 -1.46 -1.55 -9.26
C VAL A 57 -1.63 -0.07 -9.47
C VAL A 57 -1.61 -0.07 -9.54
N GLY A 58 -0.58 0.72 -9.30
CA GLY A 58 -0.68 2.15 -9.57
C GLY A 58 -1.00 2.44 -11.02
N GLY A 59 -0.36 1.72 -11.94
CA GLY A 59 -0.67 1.88 -13.35
C GLY A 59 -2.10 1.45 -13.66
N GLN A 60 -2.55 0.34 -13.08
CA GLN A 60 -3.92 -0.12 -13.30
C GLN A 60 -4.94 0.88 -12.77
N ARG A 61 -4.67 1.44 -11.58
CA ARG A 61 -5.60 2.41 -10.99
C ARG A 61 -5.70 3.67 -11.85
N ALA A 62 -4.57 4.15 -12.36
CA ALA A 62 -4.59 5.34 -13.20
C ALA A 62 -5.37 5.07 -14.49
N ALA A 63 -5.19 3.89 -15.08
CA ALA A 63 -5.96 3.51 -16.27
C ALA A 63 -7.45 3.39 -15.96
N TRP A 64 -7.79 2.74 -14.85
CA TRP A 64 -9.19 2.58 -14.44
C TRP A 64 -9.83 3.94 -14.27
N ARG A 65 -9.11 4.91 -13.71
CA ARG A 65 -9.71 6.22 -13.50
C ARG A 65 -9.94 6.93 -14.83
N VAL A 66 -9.02 6.81 -15.77
CA VAL A 66 -9.23 7.38 -17.10
C VAL A 66 -10.49 6.80 -17.73
N LEU A 67 -10.60 5.47 -17.72
CA LEU A 67 -11.71 4.81 -18.38
C LEU A 67 -13.02 5.07 -17.65
N SER A 68 -13.00 5.04 -16.31
CA SER A 68 -14.21 5.34 -15.54
C SER A 68 -14.72 6.73 -15.85
N SER A 69 -13.82 7.68 -16.03
CA SER A 69 -14.23 9.05 -16.33
C SER A 69 -14.85 9.16 -17.72
N ILE A 70 -14.24 8.51 -18.71
CA ILE A 70 -14.82 8.46 -20.04
C ILE A 70 -16.20 7.80 -20.00
N GLU A 71 -16.34 6.75 -19.20
CA GLU A 71 -17.61 6.01 -19.15
C GLU A 71 -18.70 6.85 -18.49
N GLN A 72 -18.34 7.61 -17.47
CA GLN A 72 -19.31 8.50 -16.82
C GLN A 72 -19.79 9.57 -17.78
N LYS A 73 -18.87 10.16 -18.54
CA LYS A 73 -19.26 11.13 -19.57
C LYS A 73 -20.15 10.49 -20.63
N SER A 74 -19.92 9.22 -20.96
CA SER A 74 -20.72 8.56 -21.98
C SER A 74 -22.16 8.31 -21.54
N ASN A 75 -22.43 8.28 -20.24
CA ASN A 75 -23.77 8.01 -19.74
C ASN A 75 -24.49 9.27 -19.24
N GLY A 83 -21.66 2.74 -27.62
CA GLY A 83 -21.56 1.30 -27.64
C GLY A 83 -21.09 0.75 -26.31
N PRO A 84 -21.00 -0.58 -26.20
CA PRO A 84 -20.53 -1.20 -24.96
C PRO A 84 -19.02 -1.10 -24.72
N GLU A 85 -18.23 -0.52 -25.66
CA GLU A 85 -16.78 -0.71 -25.63
C GLU A 85 -16.14 -0.06 -24.40
N VAL A 86 -16.56 1.14 -24.02
CA VAL A 86 -15.91 1.80 -22.89
C VAL A 86 -16.15 1.01 -21.61
N ARG A 87 -17.40 0.61 -21.36
CA ARG A 87 -17.70 -0.22 -20.21
C ARG A 87 -16.94 -1.54 -20.26
N GLU A 88 -16.93 -2.20 -21.43
CA GLU A 88 -16.25 -3.48 -21.53
C GLU A 88 -14.77 -3.34 -21.19
N TYR A 89 -14.14 -2.29 -21.68
CA TYR A 89 -12.70 -2.14 -21.46
C TYR A 89 -12.41 -1.72 -20.01
N ARG A 90 -13.23 -0.81 -19.45
CA ARG A 90 -13.13 -0.51 -18.01
C ARG A 90 -13.25 -1.77 -17.17
N GLU A 91 -14.19 -2.65 -17.52
CA GLU A 91 -14.37 -3.89 -16.79
C GLU A 91 -13.14 -4.78 -16.91
N LYS A 92 -12.53 -4.82 -18.09
N LYS A 92 -12.53 -4.82 -18.09
CA LYS A 92 -11.34 -5.65 -18.29
CA LYS A 92 -11.34 -5.65 -18.29
C LYS A 92 -10.22 -5.18 -17.38
C LYS A 92 -10.21 -5.18 -17.40
N VAL A 93 -9.95 -3.87 -17.40
CA VAL A 93 -8.92 -3.31 -16.53
C VAL A 93 -9.26 -3.54 -15.06
N GLU A 94 -10.54 -3.35 -14.69
CA GLU A 94 -10.94 -3.56 -13.32
C GLU A 94 -10.66 -5.00 -12.87
N THR A 95 -11.00 -5.98 -13.71
CA THR A 95 -10.79 -7.37 -13.35
C THR A 95 -9.30 -7.66 -13.18
N GLU A 96 -8.46 -7.06 -14.02
N GLU A 96 -8.48 -7.06 -14.03
CA GLU A 96 -7.03 -7.30 -13.90
CA GLU A 96 -7.04 -7.28 -13.92
C GLU A 96 -6.49 -6.67 -12.63
C GLU A 96 -6.51 -6.68 -12.62
N LEU A 97 -6.98 -5.48 -12.28
CA LEU A 97 -6.60 -4.84 -11.02
C LEU A 97 -7.03 -5.68 -9.84
N GLN A 98 -8.28 -6.15 -9.84
CA GLN A 98 -8.74 -7.01 -8.77
C GLN A 98 -7.87 -8.27 -8.66
N GLY A 99 -7.43 -8.80 -9.79
CA GLY A 99 -6.59 -10.00 -9.73
C GLY A 99 -5.25 -9.73 -9.08
N VAL A 100 -4.65 -8.58 -9.36
CA VAL A 100 -3.39 -8.23 -8.72
C VAL A 100 -3.58 -8.00 -7.22
N CYS A 101 -4.63 -7.29 -6.83
CA CYS A 101 -4.88 -7.09 -5.41
C CYS A 101 -5.11 -8.41 -4.68
N ASP A 102 -5.88 -9.32 -5.30
CA ASP A 102 -6.09 -10.65 -4.73
C ASP A 102 -4.79 -11.41 -4.61
N THR A 103 -3.88 -11.25 -5.57
CA THR A 103 -2.59 -11.94 -5.49
C THR A 103 -1.78 -11.45 -4.29
N VAL A 104 -1.68 -10.12 -4.12
CA VAL A 104 -0.97 -9.56 -2.97
C VAL A 104 -1.61 -9.99 -1.67
N LEU A 105 -2.93 -9.88 -1.58
CA LEU A 105 -3.61 -10.29 -0.37
C LEU A 105 -3.38 -11.75 -0.08
N GLY A 106 -3.30 -12.58 -1.12
CA GLY A 106 -3.02 -13.99 -0.93
C GLY A 106 -1.63 -14.24 -0.37
N LEU A 107 -0.64 -13.46 -0.83
CA LEU A 107 0.71 -13.61 -0.28
C LEU A 107 0.73 -13.21 1.19
N LEU A 108 -0.01 -12.16 1.53
CA LEU A 108 -0.04 -11.73 2.91
C LEU A 108 -0.70 -12.77 3.80
N ASP A 109 -1.75 -13.41 3.31
CA ASP A 109 -2.45 -14.43 4.06
C ASP A 109 -1.75 -15.79 4.05
N SER A 110 -0.89 -16.03 3.07
CA SER A 110 -0.23 -17.33 2.89
C SER A 110 1.24 -17.12 2.54
N HIS A 111 2.09 -16.79 3.52
CA HIS A 111 1.78 -16.77 4.95
C HIS A 111 2.54 -15.65 5.64
N LEU A 112 2.68 -14.51 4.97
CA LEU A 112 3.57 -13.46 5.48
C LEU A 112 3.11 -12.91 6.84
N ILE A 113 1.82 -12.63 6.99
CA ILE A 113 1.35 -12.01 8.24
C ILE A 113 1.51 -12.96 9.41
N LYS A 114 1.09 -14.21 9.26
CA LYS A 114 1.10 -15.10 10.42
C LYS A 114 2.52 -15.37 10.90
N GLU A 115 3.52 -15.29 10.02
CA GLU A 115 4.91 -15.50 10.45
C GLU A 115 5.59 -14.20 10.86
N ALA A 116 4.90 -13.07 10.82
CA ALA A 116 5.52 -11.78 11.16
C ALA A 116 5.32 -11.51 12.65
N GLY A 117 6.38 -11.68 13.43
CA GLY A 117 6.30 -11.49 14.86
C GLY A 117 6.87 -10.17 15.36
N ASP A 118 7.87 -9.62 14.67
CA ASP A 118 8.36 -8.32 15.09
C ASP A 118 7.37 -7.25 14.66
N ALA A 119 7.32 -6.15 15.43
CA ALA A 119 6.37 -5.10 15.10
C ALA A 119 6.65 -4.48 13.74
N GLU A 120 7.91 -4.36 13.36
CA GLU A 120 8.20 -3.70 12.11
C GLU A 120 7.72 -4.51 10.91
N SER A 121 7.81 -5.84 10.98
CA SER A 121 7.33 -6.62 9.85
C SER A 121 5.81 -6.71 9.89
N ARG A 122 5.24 -6.92 11.07
CA ARG A 122 3.80 -7.12 11.16
C ARG A 122 3.05 -5.87 10.78
N VAL A 123 3.50 -4.71 11.27
CA VAL A 123 2.92 -3.44 10.86
C VAL A 123 3.03 -3.24 9.34
N PHE A 124 4.20 -3.57 8.77
CA PHE A 124 4.39 -3.39 7.33
C PHE A 124 3.36 -4.17 6.54
N TYR A 125 3.15 -5.46 6.90
CA TYR A 125 2.27 -6.31 6.13
C TYR A 125 0.81 -5.93 6.35
N LEU A 126 0.47 -5.50 7.57
CA LEU A 126 -0.92 -5.11 7.79
C LEU A 126 -1.24 -3.81 7.08
N LYS A 127 -0.28 -2.89 7.00
CA LYS A 127 -0.48 -1.70 6.18
C LYS A 127 -0.70 -2.09 4.73
N MET A 128 0.10 -3.02 4.20
CA MET A 128 -0.13 -3.50 2.83
C MET A 128 -1.55 -4.06 2.70
N LYS A 129 -1.98 -4.86 3.67
CA LYS A 129 -3.30 -5.46 3.59
C LYS A 129 -4.38 -4.37 3.55
N GLY A 130 -4.25 -3.32 4.37
CA GLY A 130 -5.20 -2.21 4.29
C GLY A 130 -5.16 -1.53 2.94
N ASP A 131 -3.96 -1.28 2.40
CA ASP A 131 -3.83 -0.61 1.11
C ASP A 131 -4.50 -1.41 -0.02
N TYR A 132 -4.28 -2.74 -0.03
CA TYR A 132 -4.80 -3.52 -1.17
C TYR A 132 -6.32 -3.74 -1.04
N TYR A 133 -6.85 -3.84 0.19
CA TYR A 133 -8.31 -3.78 0.31
C TYR A 133 -8.83 -2.40 -0.07
N ARG A 134 -8.09 -1.33 0.24
CA ARG A 134 -8.50 0.00 -0.18
C ARG A 134 -8.59 0.10 -1.71
N TYR A 135 -7.63 -0.49 -2.44
CA TYR A 135 -7.70 -0.43 -3.91
C TYR A 135 -8.88 -1.25 -4.43
N LEU A 136 -9.16 -2.40 -3.81
CA LEU A 136 -10.41 -3.11 -4.10
C LEU A 136 -11.62 -2.23 -3.84
N ALA A 137 -11.62 -1.50 -2.72
CA ALA A 137 -12.82 -0.68 -2.40
C ALA A 137 -13.02 0.43 -3.41
N GLU A 138 -11.95 0.99 -3.97
CA GLU A 138 -12.06 2.06 -4.95
C GLU A 138 -12.90 1.67 -6.16
N VAL A 139 -12.95 0.39 -6.51
CA VAL A 139 -13.67 -0.10 -7.70
C VAL A 139 -14.91 -0.91 -7.34
N ALA A 140 -15.19 -1.09 -6.06
CA ALA A 140 -16.26 -1.98 -5.63
C ALA A 140 -17.62 -1.28 -5.71
N THR A 141 -18.63 -2.05 -6.10
CA THR A 141 -20.01 -1.55 -6.19
C THR A 141 -21.07 -2.54 -5.72
N GLY A 142 -20.72 -3.79 -5.39
CA GLY A 142 -21.73 -4.80 -5.18
C GLY A 142 -22.05 -5.20 -3.76
N ASP A 143 -22.49 -6.45 -3.57
CA ASP A 143 -22.96 -6.94 -2.29
C ASP A 143 -21.88 -6.90 -1.20
N ASP A 144 -20.61 -6.93 -1.59
CA ASP A 144 -19.52 -7.03 -0.62
C ASP A 144 -18.72 -5.74 -0.48
N LYS A 145 -19.18 -4.63 -1.06
CA LYS A 145 -18.38 -3.40 -0.98
C LYS A 145 -18.23 -2.92 0.46
N LYS A 146 -19.28 -3.06 1.27
CA LYS A 146 -19.14 -2.69 2.67
C LYS A 146 -18.16 -3.59 3.37
N ARG A 147 -18.14 -4.88 3.03
CA ARG A 147 -17.24 -5.82 3.67
C ARG A 147 -15.81 -5.54 3.25
N ILE A 148 -15.62 -5.09 1.99
CA ILE A 148 -14.27 -4.76 1.52
C ILE A 148 -13.72 -3.58 2.30
N ILE A 149 -14.54 -2.54 2.46
CA ILE A 149 -14.16 -1.36 3.23
C ILE A 149 -13.84 -1.76 4.66
N ASP A 150 -14.66 -2.63 5.27
CA ASP A 150 -14.36 -3.01 6.64
C ASP A 150 -13.10 -3.84 6.75
N SER A 151 -12.79 -4.64 5.73
CA SER A 151 -11.54 -5.38 5.74
C SER A 151 -10.34 -4.45 5.70
N ALA A 152 -10.41 -3.40 4.87
CA ALA A 152 -9.34 -2.39 4.87
C ALA A 152 -9.23 -1.73 6.24
N ARG A 153 -10.35 -1.27 6.78
N ARG A 153 -10.35 -1.27 6.79
CA ARG A 153 -10.35 -0.61 8.09
CA ARG A 153 -10.34 -0.60 8.08
C ARG A 153 -9.76 -1.50 9.17
C ARG A 153 -9.75 -1.49 9.17
N SER A 154 -10.15 -2.77 9.20
CA SER A 154 -9.69 -3.67 10.24
C SER A 154 -8.17 -3.88 10.17
N ALA A 155 -7.64 -4.02 8.95
CA ALA A 155 -6.20 -4.21 8.80
C ALA A 155 -5.44 -2.97 9.23
N TYR A 156 -5.89 -1.80 8.78
CA TYR A 156 -5.24 -0.55 9.18
C TYR A 156 -5.33 -0.35 10.68
N GLN A 157 -6.46 -0.71 11.29
CA GLN A 157 -6.63 -0.48 12.72
C GLN A 157 -5.70 -1.37 13.53
N GLU A 158 -5.57 -2.65 13.15
CA GLU A 158 -4.62 -3.50 13.87
C GLU A 158 -3.20 -2.99 13.71
N ALA A 159 -2.83 -2.55 12.51
CA ALA A 159 -1.50 -1.96 12.30
C ALA A 159 -1.29 -0.73 13.16
N MET A 160 -2.33 0.11 13.28
CA MET A 160 -2.23 1.32 14.08
C MET A 160 -2.02 0.96 15.54
N ASP A 161 -2.80 -0.01 16.03
CA ASP A 161 -2.68 -0.38 17.44
C ASP A 161 -1.27 -0.88 17.76
N ILE A 162 -0.70 -1.73 16.90
CA ILE A 162 0.65 -2.21 17.13
C ILE A 162 1.63 -1.06 17.07
N SER A 163 1.50 -0.19 16.05
CA SER A 163 2.49 0.87 15.83
C SER A 163 2.53 1.85 16.99
N LYS A 164 1.36 2.14 17.58
CA LYS A 164 1.36 3.07 18.70
C LYS A 164 1.97 2.45 19.94
N LYS A 165 1.86 1.12 20.10
CA LYS A 165 2.47 0.46 21.25
C LYS A 165 3.97 0.23 21.07
N GLU A 166 4.44 0.00 19.84
CA GLU A 166 5.77 -0.55 19.63
C GLU A 166 6.76 0.32 18.87
N MET A 167 6.33 1.44 18.28
CA MET A 167 7.23 2.24 17.47
C MET A 167 7.19 3.68 17.92
N PRO A 168 8.29 4.43 17.78
CA PRO A 168 8.25 5.86 18.09
C PRO A 168 7.37 6.59 17.09
N PRO A 169 6.86 7.76 17.45
CA PRO A 169 5.96 8.49 16.55
C PRO A 169 6.60 8.94 15.27
N THR A 170 7.93 8.91 15.16
CA THR A 170 8.60 9.31 13.94
C THR A 170 8.94 8.13 13.03
N ASN A 171 8.66 6.90 13.45
CA ASN A 171 9.03 5.74 12.61
C ASN A 171 8.39 5.87 11.22
N PRO A 172 9.15 5.82 10.14
CA PRO A 172 8.58 6.04 8.81
C PRO A 172 7.44 5.10 8.44
N ILE A 173 7.48 3.83 8.90
CA ILE A 173 6.36 2.94 8.60
C ILE A 173 5.13 3.38 9.36
N ARG A 174 5.29 3.70 10.64
CA ARG A 174 4.18 4.26 11.43
C ARG A 174 3.60 5.51 10.78
N LEU A 175 4.46 6.41 10.29
CA LEU A 175 4.00 7.62 9.63
C LEU A 175 3.26 7.33 8.33
N GLY A 176 3.82 6.45 7.49
CA GLY A 176 3.16 6.13 6.23
C GLY A 176 1.85 5.41 6.44
N LEU A 177 1.79 4.53 7.44
CA LEU A 177 0.53 3.89 7.81
C LEU A 177 -0.53 4.91 8.18
N ALA A 178 -0.17 5.87 9.03
CA ALA A 178 -1.14 6.89 9.43
C ALA A 178 -1.57 7.74 8.24
N LEU A 179 -0.62 8.10 7.37
CA LEU A 179 -0.96 8.83 6.15
C LEU A 179 -1.99 8.06 5.34
N ASN A 180 -1.73 6.78 5.07
CA ASN A 180 -2.61 6.03 4.18
C ASN A 180 -3.96 5.75 4.85
N PHE A 181 -3.97 5.54 6.18
CA PHE A 181 -5.24 5.34 6.89
C PHE A 181 -6.05 6.64 6.87
N SER A 182 -5.36 7.79 6.94
CA SER A 182 -6.11 9.05 6.82
C SER A 182 -6.70 9.21 5.43
N VAL A 183 -5.99 8.80 4.38
CA VAL A 183 -6.55 8.81 3.03
C VAL A 183 -7.74 7.86 2.93
N PHE A 184 -7.63 6.69 3.54
CA PHE A 184 -8.77 5.77 3.61
C PHE A 184 -9.99 6.50 4.20
N HIS A 185 -9.80 7.20 5.33
CA HIS A 185 -10.93 7.85 5.97
C HIS A 185 -11.53 8.88 5.06
N TYR A 186 -10.69 9.69 4.42
CA TYR A 186 -11.16 10.80 3.61
C TYR A 186 -11.81 10.32 2.33
N GLU A 187 -11.19 9.36 1.65
CA GLU A 187 -11.57 9.00 0.28
C GLU A 187 -12.53 7.83 0.22
N ILE A 188 -12.47 6.90 1.17
CA ILE A 188 -13.22 5.66 1.10
C ILE A 188 -14.35 5.64 2.12
N ALA A 189 -14.05 6.04 3.37
CA ALA A 189 -14.98 5.90 4.47
C ALA A 189 -15.88 7.11 4.64
N ASN A 190 -15.72 8.15 3.84
CA ASN A 190 -16.51 9.36 3.99
C ASN A 190 -16.46 9.89 5.43
N SER A 191 -15.24 9.91 5.97
CA SER A 191 -14.95 10.44 7.30
C SER A 191 -13.86 11.50 7.22
N PRO A 192 -14.10 12.62 6.52
CA PRO A 192 -13.04 13.65 6.44
C PRO A 192 -12.62 14.18 7.80
N GLU A 193 -13.50 14.26 8.79
CA GLU A 193 -13.04 14.78 10.07
C GLU A 193 -12.07 13.83 10.75
N GLU A 194 -12.33 12.52 10.65
CA GLU A 194 -11.40 11.53 11.19
C GLU A 194 -10.08 11.58 10.45
N ALA A 195 -10.13 11.80 9.14
CA ALA A 195 -8.90 11.89 8.35
C ALA A 195 -8.05 13.06 8.80
N ILE A 196 -8.68 14.22 8.97
CA ILE A 196 -7.98 15.43 9.39
C ILE A 196 -7.42 15.27 10.80
N SER A 197 -8.20 14.70 11.73
CA SER A 197 -7.73 14.55 13.09
C SER A 197 -6.56 13.56 13.16
N LEU A 198 -6.64 12.48 12.39
CA LEU A 198 -5.53 11.52 12.39
C LEU A 198 -4.27 12.15 11.81
N ALA A 199 -4.41 12.88 10.72
CA ALA A 199 -3.22 13.49 10.11
C ALA A 199 -2.60 14.55 11.03
N LYS A 200 -3.43 15.37 11.69
N LYS A 200 -3.43 15.37 11.69
CA LYS A 200 -2.93 16.40 12.59
CA LYS A 200 -2.93 16.40 12.59
C LYS A 200 -2.22 15.79 13.78
C LYS A 200 -2.22 15.80 13.79
N THR A 201 -2.86 14.84 14.46
CA THR A 201 -2.26 14.23 15.64
C THR A 201 -0.97 13.51 15.28
N THR A 202 -0.97 12.83 14.14
CA THR A 202 0.25 12.14 13.70
C THR A 202 1.36 13.13 13.45
N PHE A 203 1.06 14.23 12.76
CA PHE A 203 2.08 15.22 12.48
C PHE A 203 2.65 15.81 13.77
N ASP A 204 1.77 16.18 14.71
CA ASP A 204 2.20 16.86 15.91
C ASP A 204 3.03 15.95 16.80
N GLU A 205 2.64 14.68 16.92
CA GLU A 205 3.39 13.76 17.75
C GLU A 205 4.73 13.44 17.12
N ALA A 206 4.80 13.43 15.79
CA ALA A 206 6.10 13.27 15.14
C ALA A 206 7.00 14.48 15.36
N MET A 207 6.47 15.69 15.17
CA MET A 207 7.24 16.89 15.42
C MET A 207 7.92 16.86 16.77
N ALA A 208 7.19 16.46 17.80
CA ALA A 208 7.68 16.48 19.16
C ALA A 208 8.75 15.42 19.41
N ASP A 209 8.92 14.48 18.49
CA ASP A 209 9.89 13.39 18.66
C ASP A 209 11.12 13.58 17.77
N LEU A 210 11.11 14.59 16.89
CA LEU A 210 12.23 14.79 15.94
C LEU A 210 13.54 15.02 16.66
N HIS A 211 13.51 15.61 17.85
CA HIS A 211 14.75 15.94 18.57
C HIS A 211 15.57 14.70 18.91
N THR A 212 14.96 13.50 18.88
CA THR A 212 15.65 12.25 19.26
C THR A 212 16.43 11.64 18.11
N LEU A 213 16.32 12.17 16.91
CA LEU A 213 16.74 11.51 15.69
C LEU A 213 18.09 12.03 15.23
N SER A 214 18.81 11.15 14.52
CA SER A 214 19.98 11.52 13.74
C SER A 214 19.55 12.31 12.51
N GLU A 215 20.54 12.92 11.85
CA GLU A 215 20.27 13.69 10.64
C GLU A 215 19.60 12.84 9.56
N ASP A 216 20.05 11.59 9.37
CA ASP A 216 19.44 10.76 8.33
C ASP A 216 18.01 10.35 8.68
N SER A 217 17.76 9.97 9.94
CA SER A 217 16.41 9.62 10.36
C SER A 217 15.49 10.83 10.30
N TYR A 218 16.02 11.99 10.69
CA TYR A 218 15.26 13.25 10.56
C TYR A 218 14.78 13.45 9.14
N LYS A 219 15.65 13.27 8.15
CA LYS A 219 15.24 13.42 6.77
C LYS A 219 14.14 12.43 6.40
N ASP A 220 14.27 11.16 6.83
CA ASP A 220 13.28 10.16 6.48
C ASP A 220 11.92 10.54 7.06
N SER A 221 11.87 10.93 8.33
CA SER A 221 10.59 11.23 8.97
C SER A 221 9.96 12.51 8.44
N THR A 222 10.76 13.56 8.25
CA THR A 222 10.21 14.84 7.81
C THR A 222 9.67 14.74 6.39
N LEU A 223 10.22 13.85 5.56
CA LEU A 223 9.65 13.69 4.22
C LEU A 223 8.19 13.25 4.30
N ILE A 224 7.89 12.28 5.17
CA ILE A 224 6.50 11.81 5.27
C ILE A 224 5.62 12.81 6.00
N MET A 225 6.19 13.50 7.00
CA MET A 225 5.43 14.59 7.62
C MET A 225 4.95 15.61 6.61
N GLN A 226 5.77 15.90 5.60
CA GLN A 226 5.39 16.87 4.59
C GLN A 226 4.19 16.37 3.80
N LEU A 227 4.13 15.06 3.54
CA LEU A 227 2.94 14.51 2.87
C LEU A 227 1.69 14.67 3.75
N LEU A 228 1.83 14.49 5.07
CA LEU A 228 0.71 14.74 5.96
C LEU A 228 0.27 16.19 5.88
N ARG A 229 1.22 17.12 5.94
CA ARG A 229 0.87 18.54 5.86
C ARG A 229 0.26 18.87 4.51
N ASP A 230 0.76 18.29 3.42
CA ASP A 230 0.17 18.54 2.10
C ASP A 230 -1.30 18.14 2.07
N ASN A 231 -1.64 17.00 2.68
CA ASN A 231 -3.04 16.59 2.71
C ASN A 231 -3.85 17.54 3.58
N LEU A 232 -3.31 17.91 4.74
CA LEU A 232 -4.04 18.82 5.60
C LEU A 232 -4.32 20.13 4.91
N THR A 233 -3.34 20.61 4.12
CA THR A 233 -3.54 21.85 3.38
C THR A 233 -4.68 21.71 2.37
N LEU A 234 -4.76 20.56 1.71
CA LEU A 234 -5.80 20.35 0.73
C LEU A 234 -7.17 20.16 1.39
N TRP A 235 -7.20 19.54 2.59
CA TRP A 235 -8.46 19.18 3.23
C TRP A 235 -9.03 20.27 4.12
N THR A 236 -8.23 21.29 4.45
CA THR A 236 -8.66 22.38 5.31
C THR A 236 -8.45 23.73 4.64
N GLY B 6 -3.11 12.75 -1.11
CA GLY B 6 -2.18 11.75 -1.61
C GLY B 6 -1.74 10.74 -0.57
N SEP B 7 -1.72 9.46 -0.96
CA SEP B 7 -1.13 8.42 -0.14
CB SEP B 7 -1.73 7.08 -0.56
OG SEP B 7 -1.35 6.85 -1.92
C SEP B 7 0.38 8.38 -0.36
O SEP B 7 0.90 9.13 -1.18
P SEP B 7 -2.14 5.65 -2.67
O1P SEP B 7 -1.41 5.62 -4.09
O2P SEP B 7 -3.67 5.99 -2.80
O3P SEP B 7 -1.89 4.30 -1.89
N ILE B 8 1.08 7.52 0.39
CA ILE B 8 2.50 7.27 0.13
C ILE B 8 2.70 6.86 -1.33
N PRO B 9 3.55 7.56 -2.10
CA PRO B 9 3.76 7.12 -3.49
C PRO B 9 4.29 5.70 -3.50
N GLY B 10 5.39 5.44 -2.79
CA GLY B 10 5.81 4.07 -2.59
C GLY B 10 6.27 3.39 -3.85
N ARG B 11 6.75 4.15 -4.83
CA ARG B 11 7.07 3.66 -6.16
C ARG B 11 8.57 3.48 -6.40
N ARG B 12 9.43 3.81 -5.44
CA ARG B 12 10.87 3.72 -5.64
C ARG B 12 11.49 3.17 -4.36
N SER B 13 12.39 2.18 -4.49
CA SER B 13 12.93 1.51 -3.32
C SER B 13 13.97 2.40 -2.65
CL CL C . 8.67 -14.84 12.61
C1 GOL D . 23.01 -2.30 -10.02
O1 GOL D . 23.65 -1.69 -11.09
C2 GOL D . 23.26 -3.81 -10.16
O2 GOL D . 24.35 -4.25 -9.44
C3 GOL D . 21.94 -4.52 -9.72
O3 GOL D . 21.12 -3.67 -8.94
C10 UHW E . 12.36 2.52 2.30
C13 UHW E . 12.13 2.69 4.68
C17 UHW E . 7.27 4.69 4.39
C02 UHW E . 4.10 2.75 3.49
C03 UHW E . 5.43 3.41 3.41
C04 UHW E . 6.18 3.35 2.25
C05 UHW E . 7.42 3.97 2.17
C06 UHW E . 8.02 4.67 3.21
C09 UHW E . 10.97 3.20 2.15
C12 UHW E . 13.83 1.30 3.72
C14 UHW E . 10.74 3.38 4.50
C18 UHW E . 5.99 4.08 4.50
N08 UHW E . 10.71 4.19 3.24
N11 UHW E . 12.44 1.80 3.56
O15 UHW E . 9.83 6.27 4.14
O16 UHW E . 9.71 5.92 1.73
S07 UHW E . 9.62 5.39 3.05
#